data_8TTH
#
_entry.id   8TTH
#
_cell.length_a   1.00
_cell.length_b   1.00
_cell.length_c   1.00
_cell.angle_alpha   90.00
_cell.angle_beta   90.00
_cell.angle_gamma   90.00
#
_symmetry.space_group_name_H-M   'P 1'
#
loop_
_entity.id
_entity.type
_entity.pdbx_description
1 polymer 'Quinolone resistance protein NorA'
2 polymer 'Heavy Chain of FabDA1 Variable Domain'
3 polymer 'Light Chain of FabDA1 Variable Domain'
#
loop_
_entity_poly.entity_id
_entity_poly.type
_entity_poly.pdbx_seq_one_letter_code
_entity_poly.pdbx_strand_id
1 'polypeptide(L)'
;MNKQIFVLYFNIFLIFLGIGLVIPVLPVYLKDLGLTGSDLGLLVAAFALSQMIISPFGGTLADKLGKKLIICIGLILFSV
SEFMFAVGHNFSVLMLSRVIGGMSAGMVMPGVTGLIADISPSHQKAKNFGYMSAIINSGFILGPGIGGFMAEVSHRMPFY
FAGALGILAFIMSIVLIHDPKKSTTSGFQKLEPQLLTKINWKVFITPVILTLVLSFGLSAFETLYSLYTADKVNYSPKDI
SIAITGGGIFGALFQIYFFDKFMKYFSELTFIAWSLLYSVVVLILLVFANDYWSIMLISFVVFIGFNMIRPAITNYFSNI
AGERQGFAGGLNSTFTSMGNFIGPLIAGALFDVHIEAPIYMAIGVSLAGVVIVLIEKQHRAKLKEQNMENLYFQGKLGPE
QKLISEEDLNSAVDHHHHHHHHHH
;
A
2 'polypeptide(L)'
;EVQLVESGGGLVQPGGSLRLSCAASGFTFSSSSIHWVRQAPGKGLEWVASISSSSGSTSYADSVKGRFTISADTSKNTAY
LQMNSLRAEDTAVYYCARMSVENHWYYFYWYMSPYAMDYWGQGTLVTV
;
C
3 'polypeptide(L)'
;IQMTQSPSSLSASVGDRVTITCRASQSVSSAVAWYQQKPGKAPKLLIYSASSLYSGVPSRFSGSRSGTDFTLTISSLQPE
DFATYYCQQSSSSLITFGQGTKVEI
;
D
#
# COMPACT_ATOMS: atom_id res chain seq x y z
N MET A 1 17.09 -2.64 5.24
CA MET A 1 17.27 -1.98 3.95
C MET A 1 18.13 -0.73 4.09
N ASN A 2 18.14 0.09 3.04
CA ASN A 2 18.93 1.31 3.05
C ASN A 2 18.27 2.36 3.95
N LYS A 3 19.04 3.40 4.28
CA LYS A 3 18.53 4.47 5.13
C LYS A 3 17.46 5.30 4.44
N GLN A 4 17.33 5.18 3.11
CA GLN A 4 16.25 5.87 2.42
C GLN A 4 14.87 5.37 2.85
N ILE A 5 14.80 4.11 3.31
CA ILE A 5 13.54 3.60 3.85
C ILE A 5 13.33 4.08 5.28
N PHE A 6 14.42 4.17 6.05
CA PHE A 6 14.33 4.69 7.41
C PHE A 6 13.84 6.14 7.42
N VAL A 7 14.36 6.96 6.51
CA VAL A 7 13.92 8.35 6.43
C VAL A 7 12.46 8.42 6.04
N LEU A 8 12.04 7.58 5.09
CA LEU A 8 10.64 7.59 4.66
C LEU A 8 9.71 7.18 5.79
N TYR A 9 10.11 6.18 6.59
CA TYR A 9 9.30 5.77 7.73
C TYR A 9 9.27 6.86 8.80
N PHE A 10 10.39 7.56 9.00
CA PHE A 10 10.43 8.65 9.94
C PHE A 10 9.48 9.78 9.51
N ASN A 11 9.41 10.04 8.20
CA ASN A 11 8.54 11.10 7.70
C ASN A 11 7.07 10.86 8.05
N ILE A 12 6.69 9.63 8.35
CA ILE A 12 5.32 9.30 8.74
C ILE A 12 5.19 9.15 10.26
N PHE A 13 6.21 8.59 10.91
CA PHE A 13 6.21 8.49 12.36
C PHE A 13 6.10 9.89 12.99
N LEU A 14 6.89 10.83 12.48
CA LEU A 14 6.83 12.20 13.00
C LEU A 14 5.48 12.85 12.71
N ILE A 15 4.91 12.57 11.54
CA ILE A 15 3.62 13.16 11.17
C ILE A 15 2.53 12.69 12.12
N PHE A 16 2.49 11.39 12.41
CA PHE A 16 1.45 10.91 13.31
C PHE A 16 1.73 11.25 14.76
N LEU A 17 3.01 11.42 15.13
CA LEU A 17 3.33 11.99 16.43
C LEU A 17 2.76 13.38 16.57
N GLY A 18 2.91 14.21 15.53
CA GLY A 18 2.29 15.52 15.53
C GLY A 18 0.77 15.46 15.55
N ILE A 19 0.20 14.43 14.92
CA ILE A 19 -1.24 14.21 15.00
C ILE A 19 -1.67 14.03 16.44
N GLY A 20 -0.95 13.18 17.17
CA GLY A 20 -1.26 12.91 18.56
C GLY A 20 -0.73 13.90 19.58
N LEU A 21 0.01 14.92 19.15
CA LEU A 21 0.68 15.81 20.08
C LEU A 21 -0.30 16.70 20.86
N VAL A 22 -1.39 17.12 20.23
CA VAL A 22 -2.24 18.15 20.83
C VAL A 22 -2.96 17.63 22.06
N ILE A 23 -3.39 16.35 22.03
CA ILE A 23 -4.34 15.86 23.03
C ILE A 23 -3.86 16.07 24.47
N PRO A 24 -2.62 15.73 24.85
CA PRO A 24 -2.24 15.91 26.26
C PRO A 24 -2.24 17.36 26.72
N VAL A 25 -1.63 18.27 25.95
CA VAL A 25 -1.53 19.67 26.35
C VAL A 25 -2.78 20.47 25.99
N LEU A 26 -3.77 19.84 25.35
CA LEU A 26 -4.97 20.54 24.92
C LEU A 26 -5.76 21.15 26.09
N PRO A 27 -5.99 20.45 27.21
CA PRO A 27 -6.82 21.05 28.26
C PRO A 27 -6.32 22.40 28.76
N VAL A 28 -5.02 22.53 29.03
CA VAL A 28 -4.52 23.83 29.49
C VAL A 28 -4.62 24.87 28.37
N TYR A 29 -4.38 24.44 27.13
CA TYR A 29 -4.41 25.36 26.00
C TYR A 29 -5.78 26.00 25.84
N LEU A 30 -6.84 25.21 25.93
CA LEU A 30 -8.17 25.75 25.74
C LEU A 30 -8.91 26.00 27.05
N LYS A 31 -8.24 25.88 28.19
CA LYS A 31 -8.80 26.32 29.46
C LYS A 31 -8.24 27.66 29.91
N ASP A 32 -6.98 27.95 29.59
CA ASP A 32 -6.45 29.27 29.93
C ASP A 32 -7.10 30.35 29.07
N LEU A 33 -7.52 29.99 27.85
CA LEU A 33 -8.43 30.84 27.10
C LEU A 33 -9.89 30.63 27.49
N GLY A 34 -10.20 29.53 28.19
CA GLY A 34 -11.56 29.26 28.60
C GLY A 34 -12.50 28.94 27.45
N LEU A 35 -12.30 27.79 26.82
CA LEU A 35 -13.08 27.39 25.66
C LEU A 35 -13.83 26.10 25.93
N THR A 36 -15.02 25.99 25.34
CA THR A 36 -15.87 24.82 25.49
C THR A 36 -15.30 23.64 24.72
N GLY A 37 -15.47 22.44 25.28
CA GLY A 37 -14.98 21.19 24.71
C GLY A 37 -15.20 21.01 23.22
N SER A 38 -16.19 21.69 22.66
CA SER A 38 -16.45 21.61 21.23
C SER A 38 -15.22 22.00 20.43
N ASP A 39 -14.61 23.14 20.74
CA ASP A 39 -13.40 23.56 20.04
C ASP A 39 -12.22 22.65 20.37
N LEU A 40 -12.17 22.13 21.60
CA LEU A 40 -11.10 21.21 21.98
C LEU A 40 -11.09 19.99 21.07
N GLY A 41 -12.26 19.41 20.81
CA GLY A 41 -12.34 18.35 19.81
C GLY A 41 -12.10 18.85 18.40
N LEU A 42 -12.63 20.05 18.10
CA LEU A 42 -12.61 20.58 16.74
C LEU A 42 -11.19 20.79 16.25
N LEU A 43 -10.24 21.04 17.14
CA LEU A 43 -8.85 21.20 16.71
C LEU A 43 -8.35 19.95 15.99
N VAL A 44 -8.32 18.82 16.69
CA VAL A 44 -7.88 17.57 16.10
C VAL A 44 -8.80 17.15 14.96
N ALA A 45 -10.10 17.43 15.09
CA ALA A 45 -11.02 17.09 14.02
C ALA A 45 -10.66 17.82 12.73
N ALA A 46 -10.38 19.11 12.82
CA ALA A 46 -10.02 19.89 11.64
C ALA A 46 -8.68 19.43 11.08
N PHE A 47 -7.75 19.03 11.95
CA PHE A 47 -6.53 18.40 11.45
C PHE A 47 -6.85 17.20 10.58
N ALA A 48 -7.75 16.33 11.05
CA ALA A 48 -8.07 15.13 10.31
C ALA A 48 -8.81 15.44 9.00
N LEU A 49 -9.74 16.41 9.03
CA LEU A 49 -10.38 16.83 7.79
C LEU A 49 -9.37 17.35 6.79
N SER A 50 -8.42 18.17 7.24
CA SER A 50 -7.39 18.67 6.34
C SER A 50 -6.60 17.53 5.73
N GLN A 51 -6.19 16.57 6.57
CA GLN A 51 -5.41 15.43 6.07
C GLN A 51 -6.18 14.67 5.01
N MET A 52 -7.43 14.31 5.30
CA MET A 52 -8.20 13.50 4.36
C MET A 52 -8.51 14.28 3.09
N ILE A 53 -8.82 15.57 3.20
CA ILE A 53 -9.15 16.36 2.03
C ILE A 53 -7.94 16.49 1.11
N ILE A 54 -6.75 16.71 1.69
CA ILE A 54 -5.56 16.91 0.87
C ILE A 54 -4.91 15.59 0.45
N SER A 55 -5.32 14.47 1.01
CA SER A 55 -4.73 13.19 0.60
C SER A 55 -4.86 12.92 -0.89
N PRO A 56 -6.04 12.99 -1.52
CA PRO A 56 -6.08 12.75 -2.97
C PRO A 56 -5.36 13.83 -3.77
N PHE A 57 -5.54 15.10 -3.39
CA PHE A 57 -4.83 16.18 -4.06
C PHE A 57 -3.32 16.05 -3.86
N GLY A 58 -2.90 15.68 -2.66
CA GLY A 58 -1.48 15.47 -2.42
C GLY A 58 -0.90 14.36 -3.28
N GLY A 59 -1.63 13.25 -3.39
CA GLY A 59 -1.18 12.18 -4.27
C GLY A 59 -1.14 12.60 -5.72
N THR A 60 -2.13 13.38 -6.17
CA THR A 60 -2.13 13.87 -7.55
C THR A 60 -0.91 14.76 -7.81
N LEU A 61 -0.60 15.65 -6.87
CA LEU A 61 0.58 16.51 -7.00
C LEU A 61 1.86 15.69 -7.01
N ALA A 62 1.93 14.66 -6.16
CA ALA A 62 3.11 13.80 -6.14
C ALA A 62 3.29 13.08 -7.47
N ASP A 63 2.19 12.60 -8.06
CA ASP A 63 2.27 11.88 -9.33
C ASP A 63 2.66 12.83 -10.45
N LYS A 64 2.00 13.99 -10.54
CA LYS A 64 2.19 14.89 -11.67
C LYS A 64 3.50 15.65 -11.63
N LEU A 65 4.14 15.79 -10.47
CA LEU A 65 5.32 16.63 -10.35
C LEU A 65 6.57 15.86 -9.94
N GLY A 66 6.49 15.03 -8.91
CA GLY A 66 7.65 14.33 -8.41
C GLY A 66 7.57 14.10 -6.91
N LYS A 67 7.98 12.92 -6.46
CA LYS A 67 7.78 12.56 -5.07
C LYS A 67 8.72 13.31 -4.13
N LYS A 68 9.96 13.56 -4.57
CA LYS A 68 10.92 14.21 -3.67
C LYS A 68 10.46 15.61 -3.31
N LEU A 69 10.09 16.39 -4.33
CA LEU A 69 9.71 17.79 -4.10
C LEU A 69 8.47 17.89 -3.21
N ILE A 70 7.48 17.02 -3.47
CA ILE A 70 6.28 17.02 -2.65
C ILE A 70 6.61 16.65 -1.20
N ILE A 71 7.51 15.67 -1.02
CA ILE A 71 7.86 15.24 0.34
C ILE A 71 8.55 16.37 1.09
N CYS A 72 9.54 17.02 0.47
CA CYS A 72 10.24 18.10 1.18
C CYS A 72 9.32 19.30 1.40
N ILE A 73 8.45 19.61 0.44
CA ILE A 73 7.51 20.71 0.63
C ILE A 73 6.59 20.40 1.80
N GLY A 74 6.12 19.16 1.91
CA GLY A 74 5.25 18.81 3.01
C GLY A 74 5.96 18.83 4.36
N LEU A 75 7.21 18.37 4.40
CA LEU A 75 7.96 18.47 5.65
C LEU A 75 8.18 19.92 6.04
N ILE A 76 8.47 20.79 5.07
CA ILE A 76 8.61 22.21 5.37
C ILE A 76 7.30 22.78 5.92
N LEU A 77 6.18 22.44 5.29
CA LEU A 77 4.89 22.94 5.76
C LEU A 77 4.56 22.43 7.14
N PHE A 78 4.86 21.16 7.42
CA PHE A 78 4.61 20.60 8.74
C PHE A 78 5.48 21.28 9.80
N SER A 79 6.75 21.52 9.48
CA SER A 79 7.63 22.22 10.41
C SER A 79 7.12 23.63 10.69
N VAL A 80 6.68 24.33 9.64
CA VAL A 80 6.15 25.67 9.82
C VAL A 80 4.89 25.63 10.68
N SER A 81 4.03 24.63 10.46
CA SER A 81 2.81 24.50 11.24
C SER A 81 3.11 24.27 12.72
N GLU A 82 4.09 23.39 13.00
CA GLU A 82 4.42 23.09 14.39
C GLU A 82 5.12 24.27 15.06
N PHE A 83 5.91 25.05 14.31
CA PHE A 83 6.50 26.25 14.88
C PHE A 83 5.44 27.32 15.14
N MET A 84 4.45 27.45 14.26
CA MET A 84 3.43 28.47 14.41
C MET A 84 2.43 28.12 15.51
N PHE A 85 2.13 26.84 15.70
CA PHE A 85 1.12 26.45 16.69
C PHE A 85 1.53 26.85 18.10
N ALA A 86 2.83 26.86 18.38
CA ALA A 86 3.32 27.24 19.70
C ALA A 86 3.40 28.75 19.90
N VAL A 87 3.16 29.54 18.86
CA VAL A 87 3.23 31.00 18.97
C VAL A 87 1.82 31.53 18.74
N GLY A 88 0.82 30.75 19.14
CA GLY A 88 -0.57 31.14 19.00
C GLY A 88 -1.14 31.77 20.25
N HIS A 89 -2.19 32.56 20.07
CA HIS A 89 -2.82 33.24 21.20
C HIS A 89 -4.32 33.03 21.25
N ASN A 90 -4.96 32.85 20.08
CA ASN A 90 -6.40 32.69 20.03
C ASN A 90 -6.76 31.40 19.29
N PHE A 91 -8.05 31.09 19.29
CA PHE A 91 -8.53 29.83 18.73
C PHE A 91 -8.33 29.78 17.22
N SER A 92 -8.54 30.90 16.52
CA SER A 92 -8.45 30.90 15.07
C SER A 92 -7.03 30.59 14.59
N VAL A 93 -6.02 31.21 15.23
CA VAL A 93 -4.65 31.00 14.80
C VAL A 93 -4.16 29.60 15.14
N LEU A 94 -4.81 28.92 16.08
CA LEU A 94 -4.48 27.53 16.38
C LEU A 94 -5.18 26.56 15.43
N MET A 95 -6.45 26.82 15.11
CA MET A 95 -7.16 26.01 14.13
C MET A 95 -6.51 26.12 12.75
N LEU A 96 -6.07 27.32 12.37
CA LEU A 96 -5.36 27.48 11.10
C LEU A 96 -4.07 26.67 11.09
N SER A 97 -3.31 26.70 12.18
CA SER A 97 -2.08 25.93 12.25
C SER A 97 -2.36 24.43 12.16
N ARG A 98 -3.41 23.97 12.85
CA ARG A 98 -3.78 22.56 12.75
C ARG A 98 -4.19 22.18 11.34
N VAL A 99 -4.90 23.08 10.65
CA VAL A 99 -5.33 22.80 9.27
C VAL A 99 -4.11 22.71 8.35
N ILE A 100 -3.15 23.62 8.52
CA ILE A 100 -1.94 23.58 7.69
C ILE A 100 -1.14 22.31 7.97
N GLY A 101 -1.00 21.93 9.24
CA GLY A 101 -0.33 20.69 9.56
C GLY A 101 -1.03 19.48 8.97
N GLY A 102 -2.37 19.50 8.99
CA GLY A 102 -3.12 18.40 8.41
C GLY A 102 -2.93 18.30 6.91
N MET A 103 -2.93 19.45 6.21
CA MET A 103 -2.73 19.41 4.77
C MET A 103 -1.31 18.95 4.44
N SER A 104 -0.32 19.36 5.25
CA SER A 104 1.04 18.88 5.05
C SER A 104 1.11 17.37 5.23
N ALA A 105 0.46 16.84 6.27
CA ALA A 105 0.48 15.40 6.50
C ALA A 105 -0.22 14.66 5.36
N GLY A 106 -1.37 15.17 4.91
CA GLY A 106 -2.13 14.51 3.87
C GLY A 106 -1.52 14.62 2.49
N MET A 107 -0.62 15.56 2.27
CA MET A 107 0.12 15.61 1.01
C MET A 107 1.51 15.00 1.11
N VAL A 108 1.99 14.70 2.32
CA VAL A 108 3.22 13.93 2.47
C VAL A 108 2.94 12.44 2.35
N MET A 109 1.92 11.95 3.06
CA MET A 109 1.69 10.51 3.15
C MET A 109 1.58 9.83 1.79
N PRO A 110 0.78 10.31 0.83
CA PRO A 110 0.78 9.67 -0.49
C PRO A 110 2.13 9.66 -1.17
N GLY A 111 2.91 10.73 -1.02
CA GLY A 111 4.23 10.77 -1.63
C GLY A 111 5.16 9.71 -1.06
N VAL A 112 5.15 9.55 0.28
CA VAL A 112 6.00 8.55 0.90
C VAL A 112 5.54 7.15 0.52
N THR A 113 4.23 6.91 0.49
CA THR A 113 3.74 5.59 0.08
C THR A 113 4.14 5.27 -1.35
N GLY A 114 4.02 6.24 -2.25
CA GLY A 114 4.44 6.02 -3.63
C GLY A 114 5.93 5.78 -3.75
N LEU A 115 6.74 6.52 -3.00
CA LEU A 115 8.18 6.30 -3.03
C LEU A 115 8.53 4.90 -2.54
N ILE A 116 7.89 4.45 -1.46
CA ILE A 116 8.16 3.12 -0.93
C ILE A 116 7.71 2.06 -1.92
N ALA A 117 6.57 2.28 -2.59
CA ALA A 117 6.13 1.34 -3.61
C ALA A 117 7.12 1.26 -4.77
N ASP A 118 7.67 2.40 -5.16
CA ASP A 118 8.62 2.44 -6.28
C ASP A 118 10.00 1.91 -5.92
N ILE A 119 10.39 1.91 -4.65
CA ILE A 119 11.72 1.43 -4.26
C ILE A 119 11.70 -0.02 -3.82
N SER A 120 10.59 -0.52 -3.31
CA SER A 120 10.56 -1.85 -2.75
C SER A 120 10.32 -2.90 -3.83
N PRO A 121 10.82 -4.12 -3.62
CA PRO A 121 10.56 -5.21 -4.58
C PRO A 121 9.10 -5.62 -4.56
N SER A 122 8.72 -6.34 -5.61
CA SER A 122 7.32 -6.75 -5.77
C SER A 122 6.86 -7.74 -4.72
N HIS A 123 7.78 -8.45 -4.06
CA HIS A 123 7.38 -9.44 -3.07
C HIS A 123 7.36 -8.89 -1.65
N GLN A 124 8.16 -7.87 -1.35
CA GLN A 124 8.13 -7.22 -0.04
C GLN A 124 7.19 -6.02 -0.06
N LYS A 125 5.94 -6.28 -0.44
CA LYS A 125 4.91 -5.25 -0.49
C LYS A 125 3.88 -5.43 0.62
N ALA A 126 3.41 -6.65 0.83
CA ALA A 126 2.54 -6.92 1.98
C ALA A 126 3.29 -6.67 3.28
N LYS A 127 4.55 -7.11 3.34
CA LYS A 127 5.37 -6.84 4.52
C LYS A 127 5.57 -5.34 4.71
N ASN A 128 5.83 -4.61 3.62
CA ASN A 128 6.03 -3.17 3.74
C ASN A 128 4.75 -2.47 4.22
N PHE A 129 3.59 -2.93 3.76
CA PHE A 129 2.35 -2.40 4.29
C PHE A 129 2.20 -2.72 5.78
N GLY A 130 2.67 -3.91 6.18
CA GLY A 130 2.66 -4.23 7.61
C GLY A 130 3.50 -3.27 8.42
N TYR A 131 4.71 -2.99 7.97
CA TYR A 131 5.54 -1.99 8.66
C TYR A 131 4.89 -0.61 8.60
N MET A 132 4.22 -0.28 7.51
CA MET A 132 3.52 1.01 7.42
C MET A 132 2.47 1.13 8.51
N SER A 133 1.63 0.09 8.65
CA SER A 133 0.60 0.11 9.67
C SER A 133 1.21 0.14 11.07
N ALA A 134 2.29 -0.61 11.28
CA ALA A 134 2.94 -0.62 12.58
C ALA A 134 3.49 0.75 12.94
N ILE A 135 4.13 1.43 11.99
CA ILE A 135 4.69 2.76 12.25
C ILE A 135 3.58 3.76 12.49
N ILE A 136 2.49 3.69 11.73
CA ILE A 136 1.38 4.62 11.92
C ILE A 136 0.77 4.42 13.31
N ASN A 137 0.56 3.17 13.72
CA ASN A 137 0.00 2.91 15.04
C ASN A 137 0.97 3.36 16.14
N SER A 138 2.26 3.13 15.94
CA SER A 138 3.25 3.57 16.93
C SER A 138 3.23 5.08 17.08
N GLY A 139 3.13 5.81 15.96
CA GLY A 139 3.02 7.25 16.05
C GLY A 139 1.76 7.69 16.77
N PHE A 140 0.63 7.04 16.46
CA PHE A 140 -0.62 7.36 17.15
C PHE A 140 -0.48 7.20 18.65
N ILE A 141 0.14 6.10 19.09
CA ILE A 141 0.32 5.88 20.52
C ILE A 141 1.33 6.85 21.12
N LEU A 142 2.42 7.15 20.41
CA LEU A 142 3.56 7.82 20.98
C LEU A 142 3.47 9.35 20.94
N GLY A 143 2.57 9.91 20.13
CA GLY A 143 2.41 11.35 20.07
C GLY A 143 2.16 12.01 21.42
N PRO A 144 1.09 11.58 22.11
CA PRO A 144 0.81 12.16 23.43
C PRO A 144 1.94 12.00 24.43
N GLY A 145 2.70 10.90 24.35
CA GLY A 145 3.81 10.72 25.28
C GLY A 145 4.90 11.77 25.10
N ILE A 146 5.29 12.04 23.86
CA ILE A 146 6.26 13.10 23.59
C ILE A 146 5.67 14.45 23.99
N GLY A 147 4.36 14.64 23.78
CA GLY A 147 3.75 15.87 24.26
C GLY A 147 3.90 16.05 25.76
N GLY A 148 3.51 15.04 26.53
CA GLY A 148 3.53 15.14 27.98
C GLY A 148 4.90 15.06 28.60
N PHE A 149 5.90 14.59 27.85
CA PHE A 149 7.25 14.51 28.39
C PHE A 149 7.76 15.89 28.77
N MET A 150 7.89 16.80 27.80
CA MET A 150 8.22 18.18 28.14
C MET A 150 7.05 19.14 28.01
N ALA A 151 5.81 18.68 28.24
CA ALA A 151 4.76 19.62 28.57
C ALA A 151 4.96 20.18 29.98
N GLU A 152 5.89 19.60 30.73
CA GLU A 152 6.18 20.02 32.10
C GLU A 152 6.99 21.31 32.16
N VAL A 153 8.07 21.40 31.40
CA VAL A 153 8.93 22.58 31.45
C VAL A 153 8.17 23.82 30.96
N SER A 154 7.45 23.69 29.86
CA SER A 154 6.65 24.79 29.32
C SER A 154 5.58 24.20 28.42
N HIS A 155 4.59 25.03 28.10
CA HIS A 155 3.45 24.61 27.31
C HIS A 155 3.58 24.98 25.83
N ARG A 156 4.74 25.49 25.40
CA ARG A 156 5.03 25.69 23.99
C ARG A 156 6.16 24.82 23.46
N MET A 157 6.86 24.10 24.33
CA MET A 157 8.11 23.43 24.00
C MET A 157 7.91 22.13 23.21
N PRO A 158 6.87 21.31 23.48
CA PRO A 158 6.66 20.13 22.62
C PRO A 158 6.49 20.47 21.15
N PHE A 159 5.83 21.58 20.83
CA PHE A 159 5.72 21.97 19.44
C PHE A 159 7.05 22.50 18.90
N TYR A 160 7.90 23.05 19.76
CA TYR A 160 9.28 23.32 19.37
C TYR A 160 10.00 22.03 18.99
N PHE A 161 9.80 20.97 19.77
CA PHE A 161 10.34 19.66 19.43
C PHE A 161 9.82 19.20 18.08
N ALA A 162 8.52 19.35 17.85
CA ALA A 162 7.92 18.91 16.59
C ALA A 162 8.50 19.67 15.41
N GLY A 163 8.64 20.99 15.55
CA GLY A 163 9.20 21.78 14.46
C GLY A 163 10.66 21.44 14.20
N ALA A 164 11.45 21.27 15.26
CA ALA A 164 12.85 20.91 15.09
C ALA A 164 12.98 19.55 14.41
N LEU A 165 12.16 18.58 14.83
CA LEU A 165 12.21 17.26 14.20
C LEU A 165 11.76 17.32 12.75
N GLY A 166 10.78 18.16 12.44
CA GLY A 166 10.39 18.34 11.05
C GLY A 166 11.49 18.93 10.20
N ILE A 167 12.21 19.92 10.74
CA ILE A 167 13.33 20.50 10.02
C ILE A 167 14.41 19.46 9.80
N LEU A 168 14.71 18.65 10.83
CA LEU A 168 15.70 17.60 10.70
C LEU A 168 15.29 16.59 9.62
N ALA A 169 14.03 16.16 9.63
CA ALA A 169 13.55 15.23 8.61
C ALA A 169 13.65 15.84 7.22
N PHE A 170 13.34 17.12 7.09
CA PHE A 170 13.45 17.79 5.80
C PHE A 170 14.89 17.81 5.31
N ILE A 171 15.84 18.08 6.21
CA ILE A 171 17.23 18.14 5.76
C ILE A 171 17.81 16.75 5.47
N MET A 172 17.31 15.69 6.11
CA MET A 172 17.71 14.35 5.67
C MET A 172 17.07 14.00 4.32
N SER A 173 15.81 14.38 4.13
CA SER A 173 15.14 14.06 2.88
C SER A 173 15.75 14.81 1.70
N ILE A 174 16.23 16.03 1.92
CA ILE A 174 16.86 16.79 0.84
C ILE A 174 18.11 16.08 0.35
N VAL A 175 18.94 15.58 1.26
CA VAL A 175 20.22 15.01 0.88
C VAL A 175 20.15 13.52 0.56
N LEU A 176 19.07 12.83 0.95
CA LEU A 176 18.98 11.39 0.76
C LEU A 176 17.99 10.96 -0.31
N ILE A 177 16.84 11.62 -0.42
CA ILE A 177 15.81 11.22 -1.36
C ILE A 177 16.21 11.62 -2.78
N HIS A 178 16.13 10.67 -3.71
CA HIS A 178 16.41 10.92 -5.11
C HIS A 178 15.31 10.29 -5.95
N ASP A 179 15.14 10.80 -7.18
CA ASP A 179 14.11 10.32 -8.07
C ASP A 179 14.66 9.26 -9.02
N PRO A 180 13.82 8.31 -9.48
CA PRO A 180 14.25 7.30 -10.44
C PRO A 180 14.41 7.87 -11.85
N PRO A 193 -11.88 -0.91 -18.55
CA PRO A 193 -13.13 -0.78 -17.81
C PRO A 193 -13.15 -1.62 -16.54
N GLN A 194 -12.09 -2.39 -16.31
CA GLN A 194 -11.98 -3.26 -15.15
C GLN A 194 -11.12 -2.65 -14.04
N LEU A 195 -10.77 -1.36 -14.15
CA LEU A 195 -9.95 -0.73 -13.13
C LEU A 195 -10.66 -0.66 -11.79
N LEU A 196 -11.97 -0.34 -11.79
CA LEU A 196 -12.70 -0.15 -10.55
C LEU A 196 -13.60 -1.32 -10.19
N THR A 197 -13.86 -2.24 -11.11
CA THR A 197 -14.75 -3.36 -10.82
C THR A 197 -14.06 -4.51 -10.11
N LYS A 198 -12.75 -4.43 -9.90
CA LYS A 198 -12.04 -5.52 -9.22
C LYS A 198 -12.50 -5.67 -7.78
N ILE A 199 -12.89 -4.59 -7.13
CA ILE A 199 -13.44 -4.66 -5.78
C ILE A 199 -14.93 -4.95 -5.87
N ASN A 200 -15.36 -5.97 -5.12
CA ASN A 200 -16.74 -6.45 -5.22
C ASN A 200 -17.71 -5.63 -4.36
N TRP A 201 -17.20 -4.73 -3.51
CA TRP A 201 -18.02 -3.93 -2.61
C TRP A 201 -18.86 -4.81 -1.67
N LYS A 202 -18.43 -6.05 -1.47
CA LYS A 202 -19.14 -6.94 -0.55
C LYS A 202 -18.19 -7.78 0.30
N VAL A 203 -16.87 -7.59 0.18
CA VAL A 203 -15.90 -8.35 0.95
C VAL A 203 -15.10 -7.46 1.90
N PHE A 204 -14.72 -6.26 1.45
CA PHE A 204 -14.03 -5.31 2.30
C PHE A 204 -14.96 -4.54 3.23
N ILE A 205 -16.28 -4.73 3.11
CA ILE A 205 -17.22 -3.91 3.85
C ILE A 205 -17.08 -4.13 5.34
N THR A 206 -17.01 -5.39 5.76
CA THR A 206 -16.88 -5.68 7.19
C THR A 206 -15.58 -5.14 7.79
N PRO A 207 -14.40 -5.39 7.22
CA PRO A 207 -13.19 -4.76 7.78
C PRO A 207 -13.22 -3.25 7.71
N VAL A 208 -13.84 -2.67 6.68
CA VAL A 208 -13.94 -1.21 6.59
C VAL A 208 -14.75 -0.66 7.75
N ILE A 209 -15.93 -1.24 7.99
CA ILE A 209 -16.76 -0.79 9.11
C ILE A 209 -16.05 -1.00 10.43
N LEU A 210 -15.33 -2.13 10.56
CA LEU A 210 -14.66 -2.43 11.81
C LEU A 210 -13.52 -1.46 12.10
N THR A 211 -12.70 -1.14 11.09
CA THR A 211 -11.64 -0.16 11.32
C THR A 211 -12.22 1.23 11.55
N LEU A 212 -13.35 1.55 10.91
CA LEU A 212 -14.00 2.84 11.14
C LEU A 212 -14.46 2.96 12.59
N VAL A 213 -15.14 1.94 13.10
CA VAL A 213 -15.63 2.00 14.48
C VAL A 213 -14.47 1.99 15.46
N LEU A 214 -13.42 1.21 15.17
CA LEU A 214 -12.25 1.20 16.04
C LEU A 214 -11.63 2.59 16.14
N SER A 215 -11.35 3.22 15.00
CA SER A 215 -10.73 4.54 15.01
C SER A 215 -11.64 5.57 15.66
N PHE A 216 -12.94 5.50 15.38
CA PHE A 216 -13.89 6.45 15.95
C PHE A 216 -13.90 6.34 17.48
N GLY A 217 -14.05 5.13 18.00
CA GLY A 217 -14.07 4.95 19.45
C GLY A 217 -12.76 5.35 20.10
N LEU A 218 -11.64 4.98 19.48
CA LEU A 218 -10.34 5.30 20.07
C LEU A 218 -10.11 6.81 20.12
N SER A 219 -10.39 7.51 19.01
CA SER A 219 -10.22 8.96 18.99
C SER A 219 -11.16 9.63 19.98
N ALA A 220 -12.41 9.16 20.06
CA ALA A 220 -13.36 9.73 21.00
C ALA A 220 -12.90 9.57 22.44
N PHE A 221 -12.42 8.37 22.80
CA PHE A 221 -11.97 8.17 24.17
C PHE A 221 -10.71 8.96 24.47
N GLU A 222 -9.78 9.05 23.51
CA GLU A 222 -8.59 9.85 23.73
C GLU A 222 -8.93 11.32 23.95
N THR A 223 -9.88 11.85 23.17
CA THR A 223 -10.32 13.22 23.39
C THR A 223 -11.02 13.37 24.74
N LEU A 224 -11.86 12.41 25.10
CA LEU A 224 -12.72 12.56 26.28
C LEU A 224 -11.96 12.38 27.59
N TYR A 225 -10.92 11.54 27.60
CA TYR A 225 -10.22 11.24 28.85
C TYR A 225 -9.54 12.49 29.42
N SER A 226 -8.88 13.28 28.57
CA SER A 226 -8.22 14.49 29.04
C SER A 226 -9.23 15.48 29.59
N LEU A 227 -10.36 15.66 28.90
CA LEU A 227 -11.38 16.58 29.38
C LEU A 227 -11.96 16.11 30.71
N TYR A 228 -12.21 14.81 30.84
CA TYR A 228 -12.76 14.28 32.09
C TYR A 228 -11.78 14.48 33.24
N THR A 229 -10.50 14.20 33.01
CA THR A 229 -9.51 14.39 34.07
C THR A 229 -9.38 15.86 34.44
N ALA A 230 -9.39 16.76 33.45
CA ALA A 230 -9.26 18.17 33.73
C ALA A 230 -10.47 18.70 34.50
N ASP A 231 -11.67 18.23 34.15
CA ASP A 231 -12.89 18.75 34.77
C ASP A 231 -13.25 18.06 36.07
N LYS A 232 -12.66 16.91 36.37
CA LYS A 232 -12.99 16.18 37.59
C LYS A 232 -11.79 15.97 38.51
N VAL A 233 -10.63 15.62 37.96
CA VAL A 233 -9.45 15.41 38.78
C VAL A 233 -8.58 16.66 38.91
N ASN A 234 -8.68 17.59 37.96
CA ASN A 234 -7.93 18.85 37.99
C ASN A 234 -6.42 18.59 38.05
N TYR A 235 -5.92 17.83 37.08
CA TYR A 235 -4.55 17.37 37.10
C TYR A 235 -3.81 17.87 35.86
N SER A 236 -2.49 17.68 35.85
CA SER A 236 -1.59 18.15 34.80
C SER A 236 -1.51 17.13 33.67
N PRO A 237 -1.14 17.56 32.46
CA PRO A 237 -1.08 16.63 31.32
C PRO A 237 -0.07 15.51 31.47
N LYS A 238 0.87 15.63 32.42
CA LYS A 238 1.99 14.68 32.49
C LYS A 238 1.50 13.24 32.61
N ASP A 239 0.82 12.92 33.69
CA ASP A 239 0.37 11.54 33.87
C ASP A 239 -0.84 11.19 33.02
N ILE A 240 -1.56 12.17 32.47
CA ILE A 240 -2.56 11.87 31.46
C ILE A 240 -1.90 11.22 30.25
N SER A 241 -0.86 11.87 29.73
CA SER A 241 -0.10 11.31 28.62
C SER A 241 0.58 10.01 29.03
N ILE A 242 1.09 9.96 30.26
CA ILE A 242 1.75 8.75 30.75
C ILE A 242 0.78 7.58 30.74
N ALA A 243 -0.45 7.78 31.23
CA ALA A 243 -1.43 6.71 31.27
C ALA A 243 -1.85 6.30 29.86
N ILE A 244 -2.08 7.27 28.97
CA ILE A 244 -2.49 6.94 27.61
C ILE A 244 -1.41 6.10 26.93
N THR A 245 -0.17 6.56 26.99
CA THR A 245 0.91 5.83 26.33
C THR A 245 1.23 4.52 27.02
N GLY A 246 1.03 4.44 28.35
CA GLY A 246 1.22 3.18 29.04
C GLY A 246 0.21 2.14 28.62
N GLY A 247 -1.06 2.53 28.51
CA GLY A 247 -2.05 1.63 27.95
C GLY A 247 -1.69 1.23 26.52
N GLY A 248 -1.19 2.19 25.74
CA GLY A 248 -0.80 1.86 24.38
C GLY A 248 0.30 0.82 24.31
N ILE A 249 1.37 1.02 25.08
CA ILE A 249 2.49 0.08 25.02
C ILE A 249 2.08 -1.26 25.61
N PHE A 250 1.27 -1.24 26.68
CA PHE A 250 0.79 -2.49 27.27
C PHE A 250 0.00 -3.30 26.25
N GLY A 251 -0.95 -2.67 25.56
CA GLY A 251 -1.73 -3.38 24.57
C GLY A 251 -0.88 -3.87 23.40
N ALA A 252 -0.02 -3.00 22.87
CA ALA A 252 0.80 -3.38 21.73
C ALA A 252 1.74 -4.53 22.07
N LEU A 253 2.42 -4.45 23.21
CA LEU A 253 3.32 -5.52 23.62
C LEU A 253 2.56 -6.80 23.91
N PHE A 254 1.41 -6.70 24.59
CA PHE A 254 0.58 -7.87 24.87
C PHE A 254 0.24 -8.60 23.58
N GLN A 255 -0.27 -7.86 22.59
CA GLN A 255 -0.68 -8.50 21.35
C GLN A 255 0.53 -9.04 20.57
N ILE A 256 1.59 -8.24 20.46
CA ILE A 256 2.75 -8.66 19.67
C ILE A 256 3.50 -9.82 20.30
N TYR A 257 3.31 -10.06 21.59
CA TYR A 257 3.99 -11.18 22.24
C TYR A 257 3.10 -12.39 22.45
N PHE A 258 1.79 -12.23 22.57
CA PHE A 258 0.89 -13.35 22.83
C PHE A 258 -0.07 -13.63 21.68
N PHE A 259 0.18 -13.07 20.49
CA PHE A 259 -0.66 -13.42 19.36
C PHE A 259 -0.50 -14.88 18.95
N ASP A 260 0.60 -15.53 19.33
CA ASP A 260 0.73 -16.96 19.07
C ASP A 260 -0.33 -17.75 19.82
N LYS A 261 -0.57 -17.39 21.09
CA LYS A 261 -1.63 -18.04 21.85
C LYS A 261 -3.02 -17.52 21.45
N PHE A 262 -3.11 -16.25 21.07
CA PHE A 262 -4.40 -15.70 20.65
C PHE A 262 -4.91 -16.38 19.39
N MET A 263 -4.03 -16.62 18.42
CA MET A 263 -4.42 -17.25 17.17
C MET A 263 -4.67 -18.75 17.32
N LYS A 264 -4.23 -19.34 18.44
CA LYS A 264 -4.35 -20.78 18.59
C LYS A 264 -5.79 -21.21 18.87
N TYR A 265 -6.49 -20.47 19.71
CA TYR A 265 -7.83 -20.85 20.14
C TYR A 265 -8.92 -19.88 19.71
N PHE A 266 -8.56 -18.73 19.15
CA PHE A 266 -9.52 -17.72 18.72
C PHE A 266 -9.37 -17.45 17.24
N SER A 267 -10.48 -17.09 16.61
CA SER A 267 -10.46 -16.66 15.22
C SER A 267 -10.24 -15.15 15.19
N GLU A 268 -10.40 -14.54 14.00
CA GLU A 268 -10.22 -13.10 13.88
C GLU A 268 -11.45 -12.35 14.39
N LEU A 269 -12.62 -12.63 13.79
CA LEU A 269 -13.84 -11.91 14.16
C LEU A 269 -14.21 -12.16 15.62
N THR A 270 -14.02 -13.38 16.10
CA THR A 270 -14.27 -13.66 17.51
C THR A 270 -13.35 -12.81 18.40
N PHE A 271 -12.08 -12.68 18.01
CA PHE A 271 -11.14 -11.88 18.78
C PHE A 271 -11.61 -10.43 18.83
N ILE A 272 -11.91 -9.83 17.67
CA ILE A 272 -12.28 -8.41 17.65
C ILE A 272 -13.73 -8.17 18.02
N ALA A 273 -14.49 -9.21 18.35
CA ALA A 273 -15.79 -9.05 18.98
C ALA A 273 -15.70 -9.14 20.51
N TRP A 274 -14.98 -10.14 21.02
CA TRP A 274 -14.74 -10.19 22.45
C TRP A 274 -13.89 -9.02 22.94
N SER A 275 -13.06 -8.44 22.06
CA SER A 275 -12.36 -7.21 22.42
C SER A 275 -13.34 -6.08 22.71
N LEU A 276 -14.34 -5.90 21.84
CA LEU A 276 -15.34 -4.87 22.08
C LEU A 276 -16.18 -5.20 23.30
N LEU A 277 -16.48 -6.49 23.52
CA LEU A 277 -17.24 -6.86 24.72
C LEU A 277 -16.48 -6.51 25.99
N TYR A 278 -15.18 -6.83 26.03
CA TYR A 278 -14.36 -6.49 27.18
C TYR A 278 -14.27 -4.98 27.35
N SER A 279 -14.10 -4.26 26.24
CA SER A 279 -14.03 -2.79 26.33
C SER A 279 -15.33 -2.20 26.87
N VAL A 280 -16.47 -2.71 26.42
CA VAL A 280 -17.74 -2.14 26.84
C VAL A 280 -18.03 -2.45 28.31
N VAL A 281 -17.71 -3.67 28.75
CA VAL A 281 -17.94 -3.97 30.17
C VAL A 281 -17.01 -3.17 31.06
N VAL A 282 -15.75 -2.99 30.62
CA VAL A 282 -14.83 -2.18 31.42
C VAL A 282 -15.25 -0.71 31.42
N LEU A 283 -15.82 -0.22 30.31
CA LEU A 283 -16.34 1.14 30.30
C LEU A 283 -17.54 1.29 31.22
N ILE A 284 -18.40 0.27 31.26
CA ILE A 284 -19.51 0.26 32.22
C ILE A 284 -18.98 0.35 33.64
N LEU A 285 -17.91 -0.39 33.93
CA LEU A 285 -17.25 -0.24 35.23
C LEU A 285 -16.70 1.17 35.41
N LEU A 286 -16.17 1.76 34.34
CA LEU A 286 -15.67 3.13 34.38
C LEU A 286 -16.75 4.11 34.77
N VAL A 287 -18.01 3.85 34.38
CA VAL A 287 -19.11 4.68 34.83
C VAL A 287 -19.19 4.68 36.35
N PHE A 288 -19.03 3.51 36.97
CA PHE A 288 -19.00 3.43 38.42
C PHE A 288 -17.72 4.04 39.01
N ALA A 289 -16.66 4.16 38.21
CA ALA A 289 -15.39 4.65 38.71
C ALA A 289 -15.45 6.15 38.94
N ASN A 290 -15.12 6.59 40.15
CA ASN A 290 -15.09 8.00 40.47
C ASN A 290 -13.90 8.39 41.35
N ASP A 291 -12.98 7.47 41.62
CA ASP A 291 -11.81 7.75 42.44
C ASP A 291 -10.58 7.92 41.56
N TYR A 292 -9.58 8.61 42.12
CA TYR A 292 -8.35 8.96 41.41
C TYR A 292 -7.63 7.73 40.87
N TRP A 293 -7.17 6.85 41.77
CA TRP A 293 -6.56 5.62 41.34
C TRP A 293 -7.54 4.73 40.58
N SER A 294 -8.82 4.77 40.96
CA SER A 294 -9.82 3.97 40.25
C SER A 294 -9.94 4.41 38.79
N ILE A 295 -10.06 5.72 38.56
CA ILE A 295 -10.20 6.19 37.18
C ILE A 295 -8.90 5.97 36.42
N MET A 296 -7.75 6.14 37.07
CA MET A 296 -6.48 5.87 36.42
C MET A 296 -6.40 4.42 35.94
N LEU A 297 -6.68 3.48 36.84
CA LEU A 297 -6.60 2.07 36.49
C LEU A 297 -7.63 1.70 35.42
N ILE A 298 -8.85 2.23 35.54
CA ILE A 298 -9.88 1.86 34.57
C ILE A 298 -9.57 2.42 33.19
N SER A 299 -9.00 3.63 33.12
CA SER A 299 -8.58 4.15 31.82
C SER A 299 -7.43 3.32 31.26
N PHE A 300 -6.48 2.94 32.12
CA PHE A 300 -5.36 2.12 31.67
C PHE A 300 -5.84 0.80 31.08
N VAL A 301 -6.81 0.15 31.72
CA VAL A 301 -7.29 -1.12 31.21
C VAL A 301 -8.25 -0.93 30.03
N VAL A 302 -8.92 0.22 29.94
CA VAL A 302 -9.76 0.51 28.77
C VAL A 302 -8.89 0.63 27.53
N PHE A 303 -7.78 1.35 27.64
CA PHE A 303 -6.96 1.61 26.46
C PHE A 303 -6.39 0.33 25.85
N ILE A 304 -6.21 -0.71 26.67
CA ILE A 304 -5.57 -1.93 26.19
C ILE A 304 -6.40 -2.56 25.07
N GLY A 305 -7.72 -2.64 25.26
CA GLY A 305 -8.56 -3.23 24.24
C GLY A 305 -8.55 -2.45 22.94
N PHE A 306 -8.68 -1.13 23.04
CA PHE A 306 -8.64 -0.30 21.83
C PHE A 306 -7.31 -0.43 21.11
N ASN A 307 -6.21 -0.56 21.85
CA ASN A 307 -4.90 -0.68 21.21
C ASN A 307 -4.72 -2.05 20.56
N MET A 308 -5.27 -3.10 21.19
CA MET A 308 -5.08 -4.44 20.64
C MET A 308 -6.12 -4.80 19.59
N ILE A 309 -7.17 -4.00 19.41
CA ILE A 309 -8.10 -4.24 18.30
C ILE A 309 -7.41 -4.05 16.96
N ARG A 310 -6.58 -3.01 16.84
CA ARG A 310 -6.03 -2.61 15.55
C ARG A 310 -5.21 -3.70 14.86
N PRO A 311 -4.27 -4.39 15.54
CA PRO A 311 -3.48 -5.41 14.82
C PRO A 311 -4.33 -6.50 14.20
N ALA A 312 -5.38 -6.94 14.89
CA ALA A 312 -6.26 -7.94 14.29
C ALA A 312 -6.98 -7.39 13.07
N ILE A 313 -7.38 -6.12 13.11
CA ILE A 313 -8.09 -5.52 11.98
C ILE A 313 -7.18 -5.43 10.77
N THR A 314 -5.92 -4.99 10.97
CA THR A 314 -5.02 -4.88 9.82
C THR A 314 -4.61 -6.26 9.31
N ASN A 315 -4.49 -7.26 10.20
CA ASN A 315 -4.23 -8.62 9.74
C ASN A 315 -5.38 -9.14 8.91
N TYR A 316 -6.62 -8.89 9.34
CA TYR A 316 -7.79 -9.28 8.55
C TYR A 316 -7.78 -8.58 7.19
N PHE A 317 -7.46 -7.29 7.17
CA PHE A 317 -7.45 -6.54 5.92
C PHE A 317 -6.38 -7.10 4.97
N SER A 318 -5.20 -7.41 5.51
CA SER A 318 -4.14 -7.99 4.69
C SER A 318 -4.54 -9.35 4.14
N ASN A 319 -5.16 -10.19 4.98
CA ASN A 319 -5.59 -11.51 4.52
C ASN A 319 -6.66 -11.39 3.43
N ILE A 320 -7.59 -10.45 3.60
CA ILE A 320 -8.63 -10.27 2.60
C ILE A 320 -8.05 -9.76 1.28
N ALA A 321 -7.13 -8.79 1.35
CA ALA A 321 -6.58 -8.21 0.13
C ALA A 321 -5.80 -9.24 -0.67
N GLY A 322 -4.85 -9.92 -0.02
CA GLY A 322 -4.08 -10.95 -0.70
C GLY A 322 -2.97 -10.40 -1.57
N GLU A 323 -3.34 -9.79 -2.69
CA GLU A 323 -2.37 -9.23 -3.64
C GLU A 323 -2.49 -7.72 -3.80
N ARG A 324 -3.60 -7.13 -3.35
CA ARG A 324 -3.86 -5.69 -3.51
C ARG A 324 -3.56 -4.93 -2.24
N GLN A 325 -2.45 -5.29 -1.58
CA GLN A 325 -2.12 -4.72 -0.27
C GLN A 325 -2.00 -3.20 -0.31
N GLY A 326 -1.64 -2.63 -1.47
CA GLY A 326 -1.67 -1.18 -1.59
C GLY A 326 -3.07 -0.62 -1.43
N PHE A 327 -4.05 -1.27 -2.06
CA PHE A 327 -5.45 -0.88 -1.89
C PHE A 327 -5.89 -1.02 -0.44
N ALA A 328 -5.47 -2.10 0.22
CA ALA A 328 -5.81 -2.30 1.62
C ALA A 328 -5.24 -1.20 2.49
N GLY A 329 -3.97 -0.84 2.26
CA GLY A 329 -3.36 0.23 3.03
C GLY A 329 -4.03 1.57 2.79
N GLY A 330 -4.37 1.87 1.54
CA GLY A 330 -5.06 3.12 1.25
C GLY A 330 -6.41 3.20 1.92
N LEU A 331 -7.19 2.12 1.82
CA LEU A 331 -8.50 2.10 2.46
C LEU A 331 -8.38 2.21 3.98
N ASN A 332 -7.41 1.51 4.57
CA ASN A 332 -7.23 1.55 6.01
C ASN A 332 -6.87 2.96 6.47
N SER A 333 -5.95 3.62 5.76
CA SER A 333 -5.56 4.98 6.14
C SER A 333 -6.72 5.95 5.97
N THR A 334 -7.45 5.85 4.86
CA THR A 334 -8.57 6.77 4.63
C THR A 334 -9.63 6.61 5.71
N PHE A 335 -9.98 5.36 6.06
CA PHE A 335 -11.02 5.18 7.06
C PHE A 335 -10.53 5.45 8.47
N THR A 336 -9.24 5.28 8.74
CA THR A 336 -8.69 5.74 10.01
C THR A 336 -8.82 7.25 10.15
N SER A 337 -8.53 7.99 9.07
CA SER A 337 -8.75 9.44 9.10
C SER A 337 -10.23 9.77 9.24
N MET A 338 -11.10 8.97 8.60
CA MET A 338 -12.53 9.18 8.73
C MET A 338 -12.98 9.07 10.18
N GLY A 339 -12.54 8.02 10.86
CA GLY A 339 -12.85 7.89 12.28
C GLY A 339 -12.25 9.01 13.10
N ASN A 340 -10.99 9.36 12.82
CA ASN A 340 -10.29 10.39 13.59
C ASN A 340 -10.86 11.79 13.39
N PHE A 341 -11.63 12.02 12.34
CA PHE A 341 -12.35 13.29 12.27
C PHE A 341 -13.79 13.19 12.76
N ILE A 342 -14.46 12.07 12.53
CA ILE A 342 -15.86 11.95 12.96
C ILE A 342 -15.95 11.96 14.48
N GLY A 343 -14.98 11.35 15.16
CA GLY A 343 -14.99 11.24 16.60
C GLY A 343 -14.96 12.57 17.35
N PRO A 344 -13.87 13.33 17.22
CA PRO A 344 -13.65 14.46 18.13
C PRO A 344 -14.75 15.51 18.16
N LEU A 345 -15.37 15.85 17.02
CA LEU A 345 -16.43 16.86 17.06
C LEU A 345 -17.60 16.39 17.91
N ILE A 346 -18.05 15.15 17.68
CA ILE A 346 -19.17 14.62 18.44
C ILE A 346 -18.79 14.45 19.91
N ALA A 347 -17.53 14.06 20.17
CA ALA A 347 -17.09 13.92 21.55
C ALA A 347 -17.14 15.26 22.28
N GLY A 348 -16.65 16.31 21.64
CA GLY A 348 -16.72 17.63 22.24
C GLY A 348 -18.15 18.10 22.43
N ALA A 349 -19.01 17.81 21.45
CA ALA A 349 -20.41 18.23 21.57
C ALA A 349 -21.09 17.58 22.76
N LEU A 350 -20.95 16.26 22.90
CA LEU A 350 -21.57 15.59 24.04
C LEU A 350 -20.95 16.04 25.36
N PHE A 351 -19.61 16.19 25.40
CA PHE A 351 -19.00 16.71 26.62
C PHE A 351 -19.54 18.08 26.96
N ASP A 352 -19.88 18.89 25.96
CA ASP A 352 -20.57 20.15 26.22
C ASP A 352 -21.94 19.91 26.83
N VAL A 353 -22.68 18.93 26.30
CA VAL A 353 -24.06 18.75 26.76
C VAL A 353 -24.11 17.95 28.06
N HIS A 354 -23.20 16.99 28.24
CA HIS A 354 -23.23 16.17 29.45
C HIS A 354 -21.91 15.43 29.59
N ILE A 355 -21.45 15.27 30.84
CA ILE A 355 -20.10 14.75 31.08
C ILE A 355 -19.97 13.25 30.87
N GLU A 356 -21.07 12.52 30.80
CA GLU A 356 -21.03 11.07 30.55
C GLU A 356 -21.69 10.68 29.24
N ALA A 357 -22.27 11.64 28.52
CA ALA A 357 -22.80 11.35 27.19
C ALA A 357 -21.74 10.77 26.25
N PRO A 358 -20.50 11.27 26.20
CA PRO A 358 -19.48 10.58 25.39
C PRO A 358 -19.26 9.13 25.81
N ILE A 359 -19.32 8.83 27.10
CA ILE A 359 -19.15 7.44 27.56
C ILE A 359 -20.31 6.58 27.06
N TYR A 360 -21.53 7.11 27.18
CA TYR A 360 -22.71 6.36 26.70
C TYR A 360 -22.62 6.12 25.20
N MET A 361 -22.20 7.15 24.46
CA MET A 361 -21.97 6.99 23.03
C MET A 361 -20.91 5.92 22.74
N ALA A 362 -19.83 5.92 23.52
CA ALA A 362 -18.76 4.95 23.30
C ALA A 362 -19.25 3.53 23.51
N ILE A 363 -20.01 3.29 24.59
CA ILE A 363 -20.48 1.93 24.84
C ILE A 363 -21.49 1.51 23.78
N GLY A 364 -22.38 2.44 23.38
CA GLY A 364 -23.31 2.12 22.32
C GLY A 364 -22.63 1.78 21.01
N VAL A 365 -21.57 2.53 20.68
CA VAL A 365 -20.83 2.28 19.45
C VAL A 365 -20.09 0.95 19.52
N SER A 366 -19.55 0.62 20.70
CA SER A 366 -18.91 -0.69 20.87
C SER A 366 -19.91 -1.82 20.67
N LEU A 367 -21.12 -1.67 21.23
CA LEU A 367 -22.16 -2.67 21.02
C LEU A 367 -22.57 -2.75 19.55
N ALA A 368 -22.60 -1.61 18.86
CA ALA A 368 -22.88 -1.62 17.42
C ALA A 368 -21.83 -2.42 16.66
N GLY A 369 -20.55 -2.22 17.00
CA GLY A 369 -19.50 -3.03 16.41
C GLY A 369 -19.68 -4.50 16.72
N VAL A 370 -20.12 -4.81 17.95
CA VAL A 370 -20.34 -6.20 18.34
C VAL A 370 -21.41 -6.84 17.47
N VAL A 371 -22.54 -6.16 17.28
CA VAL A 371 -23.61 -6.74 16.48
C VAL A 371 -23.21 -6.78 15.00
N ILE A 372 -22.38 -5.85 14.54
CA ILE A 372 -21.88 -5.91 13.17
C ILE A 372 -21.03 -7.16 12.98
N VAL A 373 -20.13 -7.45 13.93
CA VAL A 373 -19.33 -8.66 13.84
C VAL A 373 -20.21 -9.89 13.91
N LEU A 374 -21.24 -9.85 14.74
CA LEU A 374 -22.15 -10.99 14.87
C LEU A 374 -22.88 -11.26 13.55
N ILE A 375 -23.38 -10.21 12.90
CA ILE A 375 -24.09 -10.41 11.64
C ILE A 375 -23.13 -10.85 10.55
N GLU A 376 -21.88 -10.38 10.58
CA GLU A 376 -20.89 -10.88 9.62
C GLU A 376 -20.64 -12.36 9.82
N LYS A 377 -20.51 -12.80 11.08
CA LYS A 377 -20.31 -14.21 11.35
C LYS A 377 -21.52 -15.03 10.93
N GLN A 378 -22.73 -14.52 11.16
CA GLN A 378 -23.94 -15.22 10.74
C GLN A 378 -24.00 -15.35 9.22
N HIS A 379 -23.63 -14.29 8.50
CA HIS A 379 -23.62 -14.34 7.04
C HIS A 379 -22.58 -15.33 6.54
N ARG A 380 -21.41 -15.37 7.19
CA ARG A 380 -20.39 -16.36 6.81
C ARG A 380 -20.89 -17.78 7.05
N ALA A 381 -21.57 -18.00 8.18
CA ALA A 381 -22.10 -19.33 8.46
C ALA A 381 -23.17 -19.74 7.46
N LYS A 382 -24.04 -18.80 7.07
CA LYS A 382 -25.09 -19.08 6.09
C LYS A 382 -24.50 -19.37 4.72
N GLU B 1 13.02 6.71 -32.16
CA GLU B 1 12.17 6.55 -30.98
C GLU B 1 12.78 5.53 -30.00
N VAL B 2 11.95 4.63 -29.51
CA VAL B 2 12.40 3.58 -28.60
C VAL B 2 12.80 2.34 -29.41
N GLN B 3 14.01 1.85 -29.16
CA GLN B 3 14.49 0.63 -29.79
C GLN B 3 15.39 -0.11 -28.80
N LEU B 4 15.45 -1.43 -28.93
CA LEU B 4 16.35 -2.26 -28.14
C LEU B 4 17.24 -3.07 -29.06
N VAL B 5 18.55 -3.07 -28.76
CA VAL B 5 19.54 -3.78 -29.56
C VAL B 5 20.29 -4.74 -28.64
N GLU B 6 20.55 -5.93 -29.16
CA GLU B 6 21.22 -6.98 -28.39
C GLU B 6 22.52 -7.36 -29.09
N SER B 7 23.47 -7.85 -28.29
CA SER B 7 24.78 -8.26 -28.77
C SER B 7 25.16 -9.59 -28.15
N GLY B 8 25.99 -10.33 -28.86
CA GLY B 8 26.44 -11.64 -28.40
C GLY B 8 25.95 -12.75 -29.29
N GLY B 9 25.87 -13.95 -28.71
CA GLY B 9 25.42 -15.11 -29.43
C GLY B 9 26.50 -15.76 -30.27
N GLY B 10 26.08 -16.77 -31.03
CA GLY B 10 26.99 -17.49 -31.90
C GLY B 10 27.35 -18.86 -31.35
N LEU B 11 28.42 -19.41 -31.92
CA LEU B 11 28.88 -20.74 -31.55
C LEU B 11 29.42 -20.72 -30.12
N VAL B 12 28.89 -21.61 -29.28
CA VAL B 12 29.32 -21.71 -27.89
C VAL B 12 29.67 -23.16 -27.59
N GLN B 13 30.84 -23.36 -27.00
CA GLN B 13 31.22 -24.69 -26.55
C GLN B 13 30.31 -25.12 -25.40
N PRO B 14 29.94 -26.40 -25.32
CA PRO B 14 29.09 -26.85 -24.21
C PRO B 14 29.75 -26.59 -22.86
N GLY B 15 28.96 -26.06 -21.93
CA GLY B 15 29.45 -25.69 -20.62
C GLY B 15 30.22 -24.39 -20.57
N GLY B 16 30.31 -23.65 -21.68
CA GLY B 16 31.07 -22.42 -21.72
C GLY B 16 30.34 -21.22 -21.17
N SER B 17 30.81 -20.03 -21.50
CA SER B 17 30.22 -18.80 -20.99
C SER B 17 30.09 -17.78 -22.11
N LEU B 18 29.06 -16.95 -22.01
CA LEU B 18 28.85 -15.85 -22.94
C LEU B 18 28.02 -14.80 -22.22
N ARG B 19 28.37 -13.53 -22.46
CA ARG B 19 27.68 -12.39 -21.87
C ARG B 19 26.72 -11.83 -22.90
N LEU B 20 25.43 -12.09 -22.72
CA LEU B 20 24.40 -11.58 -23.62
C LEU B 20 23.89 -10.25 -23.10
N SER B 21 23.96 -9.23 -23.95
CA SER B 21 23.67 -7.86 -23.55
C SER B 21 22.53 -7.29 -24.37
N CYS B 22 21.80 -6.36 -23.77
CA CYS B 22 20.72 -5.63 -24.44
C CYS B 22 20.98 -4.14 -24.26
N ALA B 23 21.06 -3.42 -25.37
CA ALA B 23 21.25 -1.97 -25.34
C ALA B 23 19.91 -1.28 -25.45
N ALA B 24 19.65 -0.37 -24.51
CA ALA B 24 18.38 0.33 -24.44
C ALA B 24 18.51 1.74 -25.00
N SER B 25 17.41 2.24 -25.55
CA SER B 25 17.38 3.58 -26.13
C SER B 25 15.94 4.05 -26.35
N GLY B 26 15.63 5.27 -25.95
CA GLY B 26 14.34 5.88 -26.18
C GLY B 26 13.40 5.87 -25.01
N PHE B 27 13.69 5.08 -23.98
CA PHE B 27 12.82 4.99 -22.81
C PHE B 27 13.65 5.18 -21.55
N THR B 28 12.95 5.36 -20.43
CA THR B 28 13.57 5.54 -19.13
C THR B 28 13.92 4.18 -18.56
N PHE B 29 15.21 3.86 -18.50
CA PHE B 29 15.68 2.59 -17.98
C PHE B 29 15.37 2.39 -16.50
N SER B 30 15.41 3.46 -15.70
CA SER B 30 15.20 3.35 -14.26
C SER B 30 13.73 3.32 -13.88
N SER B 31 12.83 3.40 -14.85
CA SER B 31 11.39 3.31 -14.59
C SER B 31 10.81 2.14 -15.39
N SER B 32 11.64 1.13 -15.65
CA SER B 32 11.22 -0.04 -16.40
C SER B 32 12.12 -1.20 -16.02
N SER B 33 11.66 -2.41 -16.34
CA SER B 33 12.38 -3.63 -16.08
C SER B 33 12.58 -4.41 -17.37
N ILE B 34 13.82 -4.84 -17.62
CA ILE B 34 14.19 -5.55 -18.84
C ILE B 34 14.15 -7.05 -18.56
N HIS B 35 13.38 -7.78 -19.37
CA HIS B 35 13.23 -9.22 -19.22
C HIS B 35 13.76 -9.93 -20.45
N TRP B 36 14.13 -11.20 -20.27
CA TRP B 36 14.69 -12.02 -21.34
C TRP B 36 13.82 -13.26 -21.50
N VAL B 37 13.44 -13.56 -22.74
CA VAL B 37 12.69 -14.76 -23.05
C VAL B 37 13.51 -15.61 -24.02
N ARG B 38 13.09 -16.86 -24.18
CA ARG B 38 13.80 -17.82 -25.01
C ARG B 38 12.84 -18.49 -25.98
N GLN B 39 13.28 -18.64 -27.22
CA GLN B 39 12.47 -19.29 -28.25
C GLN B 39 13.30 -20.41 -28.87
N ALA B 40 12.99 -21.64 -28.49
CA ALA B 40 13.63 -22.79 -29.13
C ALA B 40 13.17 -22.91 -30.58
N PRO B 41 14.04 -23.43 -31.45
CA PRO B 41 13.66 -23.55 -32.88
C PRO B 41 12.45 -24.45 -33.06
N GLY B 42 11.37 -23.87 -33.58
CA GLY B 42 10.15 -24.62 -33.81
C GLY B 42 9.35 -24.93 -32.56
N LYS B 43 9.67 -24.28 -31.45
CA LYS B 43 8.97 -24.52 -30.18
C LYS B 43 8.36 -23.20 -29.72
N GLY B 44 7.80 -23.21 -28.51
CA GLY B 44 7.16 -22.04 -27.95
C GLY B 44 8.09 -21.24 -27.05
N LEU B 45 7.66 -20.01 -26.74
CA LEU B 45 8.44 -19.12 -25.92
C LEU B 45 8.43 -19.57 -24.46
N GLU B 46 9.37 -19.05 -23.69
CA GLU B 46 9.47 -19.34 -22.26
C GLU B 46 10.29 -18.26 -21.60
N TRP B 47 9.73 -17.61 -20.57
CA TRP B 47 10.45 -16.57 -19.87
C TRP B 47 11.66 -17.16 -19.14
N VAL B 48 12.78 -16.45 -19.22
CA VAL B 48 14.04 -16.97 -18.68
C VAL B 48 14.45 -16.16 -17.45
N ALA B 49 14.47 -14.84 -17.57
CA ALA B 49 14.94 -14.00 -16.48
C ALA B 49 14.34 -12.60 -16.55
N SER B 50 14.47 -11.83 -15.46
CA SER B 50 13.91 -10.50 -15.39
C SER B 50 14.64 -9.73 -14.29
N ILE B 51 14.91 -8.45 -14.56
CA ILE B 51 15.55 -7.57 -13.60
C ILE B 51 14.82 -6.23 -13.60
N SER B 52 14.49 -5.73 -12.42
CA SER B 52 13.86 -4.43 -12.26
C SER B 52 14.89 -3.41 -11.82
N SER B 53 15.07 -2.37 -12.64
CA SER B 53 16.06 -1.34 -12.35
C SER B 53 15.64 -0.39 -11.24
N SER B 54 14.34 -0.15 -11.09
CA SER B 54 13.85 0.76 -10.05
C SER B 54 13.92 0.17 -8.65
N SER B 55 14.07 -1.15 -8.53
CA SER B 55 14.13 -1.79 -7.22
C SER B 55 15.26 -2.80 -7.06
N GLY B 56 15.90 -3.25 -8.13
CA GLY B 56 16.97 -4.23 -8.00
C GLY B 56 16.51 -5.64 -7.72
N SER B 57 15.26 -5.98 -8.04
CA SER B 57 14.72 -7.30 -7.80
C SER B 57 14.85 -8.14 -9.07
N THR B 58 15.46 -9.32 -8.95
CA THR B 58 15.69 -10.22 -10.07
C THR B 58 14.89 -11.51 -9.87
N SER B 59 14.36 -12.03 -10.97
CA SER B 59 13.56 -13.26 -10.95
C SER B 59 14.05 -14.20 -12.02
N TYR B 60 14.15 -15.49 -11.68
CA TYR B 60 14.58 -16.52 -12.61
C TYR B 60 13.56 -17.63 -12.66
N ALA B 61 13.39 -18.24 -13.84
CA ALA B 61 12.46 -19.34 -13.99
C ALA B 61 12.99 -20.59 -13.27
N ASP B 62 12.07 -21.51 -12.99
CA ASP B 62 12.42 -22.71 -12.23
C ASP B 62 13.45 -23.57 -12.97
N SER B 63 13.26 -23.74 -14.28
CA SER B 63 14.19 -24.54 -15.06
C SER B 63 15.57 -23.90 -15.10
N VAL B 64 15.63 -22.59 -14.86
CA VAL B 64 16.86 -21.83 -14.95
C VAL B 64 17.32 -21.29 -13.60
N LYS B 65 16.67 -21.70 -12.51
CA LYS B 65 17.05 -21.20 -11.19
C LYS B 65 18.48 -21.55 -10.83
N GLY B 66 19.33 -20.53 -10.72
CA GLY B 66 20.69 -20.73 -10.28
C GLY B 66 21.71 -21.08 -11.35
N ARG B 67 21.40 -20.82 -12.62
CA ARG B 67 22.37 -21.07 -13.68
C ARG B 67 22.62 -19.88 -14.60
N PHE B 68 21.67 -18.98 -14.80
CA PHE B 68 21.90 -17.74 -15.54
C PHE B 68 21.76 -16.58 -14.58
N THR B 69 22.73 -15.67 -14.60
CA THR B 69 22.73 -14.48 -13.75
C THR B 69 22.44 -13.25 -14.60
N ILE B 70 21.50 -12.42 -14.15
CA ILE B 70 21.07 -11.24 -14.87
C ILE B 70 21.50 -10.00 -14.09
N SER B 71 21.79 -8.93 -14.84
CA SER B 71 22.18 -7.66 -14.24
C SER B 71 21.92 -6.56 -15.26
N ALA B 72 21.90 -5.32 -14.77
CA ALA B 72 21.65 -4.16 -15.62
C ALA B 72 22.32 -2.95 -15.01
N ASP B 73 23.21 -2.31 -15.77
CA ASP B 73 23.89 -1.11 -15.31
C ASP B 73 23.18 0.12 -15.87
N THR B 74 22.79 1.03 -14.97
CA THR B 74 21.97 2.17 -15.37
C THR B 74 22.78 3.23 -16.11
N SER B 75 24.10 3.24 -15.89
CA SER B 75 24.96 4.28 -16.46
C SER B 75 24.91 4.29 -17.98
N LYS B 76 25.05 3.12 -18.60
CA LYS B 76 25.00 3.02 -20.05
C LYS B 76 23.68 2.44 -20.58
N ASN B 77 22.67 2.29 -19.71
CA ASN B 77 21.37 1.75 -20.09
C ASN B 77 21.50 0.38 -20.73
N THR B 78 22.27 -0.50 -20.11
CA THR B 78 22.52 -1.84 -20.63
C THR B 78 21.89 -2.88 -19.72
N ALA B 79 21.63 -4.05 -20.29
CA ALA B 79 21.10 -5.20 -19.56
C ALA B 79 21.99 -6.41 -19.85
N TYR B 80 22.47 -7.07 -18.80
CA TYR B 80 23.42 -8.16 -18.91
C TYR B 80 22.76 -9.47 -18.52
N LEU B 81 22.98 -10.51 -19.32
CA LEU B 81 22.64 -11.89 -18.97
C LEU B 81 23.92 -12.71 -19.08
N GLN B 82 24.40 -13.22 -17.95
CA GLN B 82 25.63 -14.00 -17.91
C GLN B 82 25.29 -15.47 -18.00
N MET B 83 25.90 -16.16 -18.95
CA MET B 83 25.73 -17.60 -19.11
C MET B 83 26.93 -18.31 -18.50
N ASN B 84 26.66 -19.28 -17.62
CA ASN B 84 27.73 -20.06 -17.01
C ASN B 84 27.75 -21.52 -17.44
N SER B 85 26.61 -22.08 -17.85
CA SER B 85 26.57 -23.46 -18.34
C SER B 85 25.52 -23.55 -19.44
N LEU B 86 25.93 -24.02 -20.61
CA LEU B 86 25.05 -24.20 -21.75
C LEU B 86 24.96 -25.68 -22.09
N ARG B 87 23.88 -26.05 -22.78
CA ARG B 87 23.64 -27.44 -23.17
C ARG B 87 22.68 -27.51 -24.35
N ALA B 88 22.19 -28.72 -24.64
CA ALA B 88 21.31 -28.90 -25.80
C ALA B 88 20.01 -28.13 -25.63
N GLU B 89 19.47 -28.08 -24.41
CA GLU B 89 18.19 -27.40 -24.19
C GLU B 89 18.34 -25.89 -24.26
N ASP B 90 19.56 -25.38 -24.16
CA ASP B 90 19.79 -23.94 -24.14
C ASP B 90 19.91 -23.31 -25.52
N THR B 91 19.94 -24.11 -26.58
CA THR B 91 19.97 -23.54 -27.92
C THR B 91 18.61 -22.96 -28.27
N ALA B 92 18.62 -21.71 -28.73
CA ALA B 92 17.39 -20.96 -28.97
C ALA B 92 17.69 -19.60 -29.59
N VAL B 93 16.64 -18.83 -29.87
CA VAL B 93 16.77 -17.42 -30.22
C VAL B 93 16.27 -16.61 -29.03
N TYR B 94 17.18 -15.89 -28.39
CA TYR B 94 16.89 -15.18 -27.15
C TYR B 94 16.47 -13.75 -27.45
N TYR B 95 15.30 -13.37 -26.94
CA TYR B 95 14.74 -12.03 -27.15
C TYR B 95 14.86 -11.22 -25.86
N CYS B 96 14.79 -9.90 -26.02
CA CYS B 96 14.93 -8.97 -24.92
C CYS B 96 13.79 -7.97 -24.98
N ALA B 97 12.99 -7.90 -23.92
CA ALA B 97 11.80 -7.07 -23.90
C ALA B 97 11.80 -6.20 -22.64
N ARG B 98 10.98 -5.16 -22.67
CA ARG B 98 10.93 -4.16 -21.61
C ARG B 98 9.57 -4.24 -20.92
N MET B 99 9.58 -4.32 -19.60
CA MET B 99 8.37 -4.44 -18.79
C MET B 99 8.19 -3.16 -17.99
N SER B 100 7.13 -2.42 -18.29
CA SER B 100 6.92 -1.11 -17.67
C SER B 100 6.41 -1.26 -16.24
N VAL B 101 7.18 -0.74 -15.28
CA VAL B 101 6.79 -0.79 -13.87
C VAL B 101 6.90 0.60 -13.25
N GLU B 102 5.79 1.34 -13.22
CA GLU B 102 5.74 2.67 -12.61
C GLU B 102 4.39 2.86 -11.96
N ASN B 103 4.39 3.14 -10.66
CA ASN B 103 3.15 3.35 -9.94
C ASN B 103 2.46 4.63 -10.39
N HIS B 104 1.15 4.55 -10.59
CA HIS B 104 0.32 5.70 -10.92
C HIS B 104 -0.70 5.90 -9.82
N TRP B 105 -0.97 7.16 -9.49
CA TRP B 105 -1.79 7.49 -8.32
C TRP B 105 -3.25 7.65 -8.72
N TYR B 106 -4.03 6.60 -8.52
CA TYR B 106 -5.46 6.78 -8.29
C TYR B 106 -5.64 7.38 -6.90
N TYR B 107 -6.73 8.09 -6.68
CA TYR B 107 -6.91 8.73 -5.38
C TYR B 107 -6.98 7.67 -4.28
N PHE B 108 -6.34 7.97 -3.16
CA PHE B 108 -6.21 7.22 -1.90
C PHE B 108 -5.39 5.93 -2.02
N TYR B 109 -4.92 5.53 -3.20
CA TYR B 109 -4.08 4.33 -3.25
C TYR B 109 -3.30 4.31 -4.56
N TRP B 110 -2.08 3.79 -4.50
CA TRP B 110 -1.23 3.63 -5.67
C TRP B 110 -1.51 2.28 -6.32
N TYR B 111 -1.60 2.25 -7.64
CA TYR B 111 -1.79 1.02 -8.40
C TYR B 111 -0.62 0.85 -9.36
N MET B 112 -0.14 -0.39 -9.49
CA MET B 112 0.96 -0.68 -10.38
C MET B 112 0.51 -0.61 -11.85
N SER B 113 1.49 -0.41 -12.73
CA SER B 113 1.19 -0.41 -14.15
C SER B 113 0.86 -1.82 -14.63
N PRO B 114 -0.08 -1.97 -15.54
CA PRO B 114 -0.46 -3.30 -16.01
C PRO B 114 0.72 -4.04 -16.64
N TYR B 115 0.78 -5.35 -16.43
CA TYR B 115 1.90 -6.14 -16.90
C TYR B 115 1.86 -6.27 -18.42
N ALA B 116 2.99 -5.92 -19.06
CA ALA B 116 3.07 -6.01 -20.52
C ALA B 116 4.51 -6.02 -21.01
N MET B 117 4.75 -6.75 -22.10
CA MET B 117 6.06 -6.83 -22.74
C MET B 117 5.94 -6.00 -24.03
N ASP B 118 6.21 -4.71 -23.91
CA ASP B 118 5.83 -3.77 -24.95
C ASP B 118 6.80 -3.82 -26.13
N TYR B 119 8.07 -3.50 -25.89
CA TYR B 119 9.04 -3.33 -26.96
C TYR B 119 9.99 -4.52 -26.98
N TRP B 120 10.09 -5.16 -28.16
CA TRP B 120 10.95 -6.32 -28.35
C TRP B 120 12.00 -6.02 -29.40
N GLY B 121 13.25 -6.30 -29.07
CA GLY B 121 14.32 -6.17 -30.04
C GLY B 121 14.55 -7.47 -30.80
N GLN B 122 15.09 -7.35 -32.01
CA GLN B 122 15.37 -8.52 -32.82
C GLN B 122 16.40 -9.41 -32.13
N GLY B 123 15.95 -10.56 -31.66
CA GLY B 123 16.80 -11.39 -30.82
C GLY B 123 17.96 -12.01 -31.57
N THR B 124 19.02 -12.30 -30.84
CA THR B 124 20.19 -12.96 -31.38
C THR B 124 20.01 -14.48 -31.29
N LEU B 125 20.98 -15.22 -31.80
CA LEU B 125 20.92 -16.67 -31.83
C LEU B 125 22.10 -17.27 -31.07
N VAL B 126 21.80 -18.26 -30.23
CA VAL B 126 22.82 -19.00 -29.49
C VAL B 126 22.70 -20.46 -29.86
N THR B 127 23.80 -21.06 -30.30
CA THR B 127 23.80 -22.44 -30.75
C THR B 127 24.75 -23.27 -29.89
N VAL B 128 24.43 -24.56 -29.76
CA VAL B 128 25.19 -25.50 -28.95
C VAL B 128 25.27 -25.03 -27.49
N ILE C 1 3.27 -22.28 -11.91
CA ILE C 1 1.91 -22.13 -12.39
C ILE C 1 1.88 -22.39 -13.90
N GLN C 2 1.60 -23.62 -14.27
CA GLN C 2 1.52 -23.99 -15.68
C GLN C 2 0.15 -23.68 -16.23
N MET C 3 0.11 -23.26 -17.50
CA MET C 3 -1.14 -22.92 -18.17
C MET C 3 -1.24 -23.71 -19.46
N THR C 4 -2.40 -24.33 -19.69
CA THR C 4 -2.65 -25.09 -20.89
C THR C 4 -3.42 -24.24 -21.91
N GLN C 5 -2.91 -24.22 -23.13
CA GLN C 5 -3.51 -23.45 -24.22
C GLN C 5 -4.08 -24.41 -25.24
N SER C 6 -5.39 -24.30 -25.48
CA SER C 6 -6.09 -25.23 -26.35
C SER C 6 -6.77 -24.47 -27.49
N PRO C 7 -6.65 -24.96 -28.73
CA PRO C 7 -5.88 -26.14 -29.14
C PRO C 7 -4.43 -25.78 -29.44
N SER C 8 -3.71 -26.65 -30.15
CA SER C 8 -2.34 -26.38 -30.56
C SER C 8 -2.29 -25.77 -31.96
N SER C 9 -3.05 -26.32 -32.89
CA SER C 9 -3.13 -25.79 -34.25
C SER C 9 -4.57 -25.43 -34.57
N LEU C 10 -4.78 -24.40 -35.39
CA LEU C 10 -6.11 -23.97 -35.76
C LEU C 10 -6.14 -23.37 -37.17
N SER C 11 -6.51 -24.19 -38.15
CA SER C 11 -6.66 -23.69 -39.51
C SER C 11 -7.94 -22.85 -39.60
N ALA C 12 -7.90 -21.84 -40.47
CA ALA C 12 -9.02 -20.93 -40.63
C ALA C 12 -8.95 -20.19 -41.96
N SER C 13 -10.09 -19.73 -42.45
CA SER C 13 -10.16 -18.93 -43.65
C SER C 13 -10.18 -17.44 -43.26
N VAL C 14 -10.44 -16.58 -44.23
CA VAL C 14 -10.48 -15.14 -43.98
C VAL C 14 -11.88 -14.74 -43.54
N GLY C 15 -11.95 -13.72 -42.70
CA GLY C 15 -13.22 -13.16 -42.27
C GLY C 15 -14.09 -14.10 -41.46
N ASP C 16 -13.51 -14.79 -40.49
CA ASP C 16 -14.28 -15.67 -39.61
C ASP C 16 -14.04 -15.26 -38.17
N ARG C 17 -14.57 -16.04 -37.23
CA ARG C 17 -14.40 -15.81 -35.81
C ARG C 17 -13.52 -16.91 -35.24
N VAL C 18 -12.40 -16.52 -34.63
CA VAL C 18 -11.44 -17.46 -34.07
C VAL C 18 -11.26 -17.15 -32.59
N THR C 19 -11.32 -18.20 -31.78
CA THR C 19 -11.17 -18.07 -30.34
C THR C 19 -10.09 -19.03 -29.86
N ILE C 20 -9.30 -18.56 -28.90
CA ILE C 20 -8.23 -19.36 -28.30
C ILE C 20 -8.33 -19.22 -26.78
N THR C 21 -8.26 -20.36 -26.11
CA THR C 21 -8.39 -20.42 -24.66
C THR C 21 -7.08 -20.87 -24.03
N CYS C 22 -6.60 -20.09 -23.06
CA CYS C 22 -5.45 -20.48 -22.23
C CYS C 22 -5.91 -20.50 -20.79
N ARG C 23 -5.93 -21.69 -20.19
CA ARG C 23 -6.53 -21.89 -18.87
C ARG C 23 -5.44 -21.87 -17.81
N ALA C 24 -5.65 -21.11 -16.75
CA ALA C 24 -4.74 -21.01 -15.63
C ALA C 24 -5.32 -21.73 -14.42
N SER C 25 -4.51 -22.59 -13.80
CA SER C 25 -4.98 -23.37 -12.65
C SER C 25 -5.35 -22.46 -11.48
N GLN C 26 -4.46 -21.52 -11.14
CA GLN C 26 -4.71 -20.56 -10.06
C GLN C 26 -5.03 -19.22 -10.71
N SER C 27 -6.31 -19.00 -11.00
CA SER C 27 -6.77 -17.77 -11.66
C SER C 27 -7.54 -16.95 -10.64
N VAL C 28 -6.86 -15.98 -10.03
CA VAL C 28 -7.48 -15.06 -9.08
C VAL C 28 -7.25 -13.64 -9.57
N SER C 29 -6.20 -13.45 -10.35
CA SER C 29 -5.85 -12.14 -10.88
C SER C 29 -5.85 -12.18 -12.41
N SER C 30 -6.26 -11.08 -13.02
CA SER C 30 -6.37 -10.98 -14.47
C SER C 30 -5.09 -10.43 -15.08
N ALA C 31 -3.95 -11.02 -14.74
CA ALA C 31 -2.66 -10.61 -15.30
C ALA C 31 -2.31 -11.41 -16.54
N VAL C 32 -3.21 -11.43 -17.52
CA VAL C 32 -3.05 -12.23 -18.72
C VAL C 32 -2.64 -11.33 -19.88
N ALA C 33 -1.71 -11.81 -20.69
CA ALA C 33 -1.27 -11.09 -21.87
C ALA C 33 -1.16 -12.06 -23.04
N TRP C 34 -1.32 -11.52 -24.25
CA TRP C 34 -1.26 -12.32 -25.47
C TRP C 34 -0.31 -11.66 -26.45
N TYR C 35 0.46 -12.47 -27.17
CA TYR C 35 1.46 -11.99 -28.10
C TYR C 35 1.26 -12.63 -29.47
N GLN C 36 1.38 -11.82 -30.52
CA GLN C 36 1.39 -12.32 -31.88
C GLN C 36 2.83 -12.34 -32.39
N GLN C 37 3.24 -13.48 -32.94
CA GLN C 37 4.59 -13.63 -33.46
C GLN C 37 4.54 -14.16 -34.88
N LYS C 38 5.27 -13.53 -35.78
CA LYS C 38 5.44 -13.97 -37.16
C LYS C 38 6.71 -14.79 -37.30
N PRO C 39 6.80 -15.63 -38.33
CA PRO C 39 8.01 -16.44 -38.52
C PRO C 39 9.26 -15.60 -38.73
N GLY C 40 10.25 -15.77 -37.85
CA GLY C 40 11.53 -15.10 -37.99
C GLY C 40 11.55 -13.65 -37.54
N LYS C 41 10.65 -13.28 -36.63
CA LYS C 41 10.62 -11.94 -36.09
C LYS C 41 10.38 -12.03 -34.58
N ALA C 42 10.13 -10.89 -33.94
CA ALA C 42 9.89 -10.86 -32.50
C ALA C 42 8.41 -10.66 -32.22
N PRO C 43 7.89 -11.29 -31.16
CA PRO C 43 6.47 -11.14 -30.82
C PRO C 43 6.13 -9.70 -30.46
N LYS C 44 4.91 -9.30 -30.81
CA LYS C 44 4.41 -7.97 -30.50
C LYS C 44 3.21 -8.06 -29.57
N LEU C 45 3.06 -7.06 -28.69
CA LEU C 45 1.98 -7.06 -27.72
C LEU C 45 0.63 -6.97 -28.41
N LEU C 46 -0.32 -7.79 -27.95
CA LEU C 46 -1.68 -7.80 -28.47
C LEU C 46 -2.70 -7.40 -27.42
N ILE C 47 -2.70 -8.08 -26.26
CA ILE C 47 -3.51 -7.71 -25.11
C ILE C 47 -2.60 -7.70 -23.89
N TYR C 48 -2.77 -6.72 -23.01
CA TYR C 48 -1.98 -6.63 -21.80
C TYR C 48 -2.80 -6.72 -20.52
N SER C 49 -4.08 -7.06 -20.61
CA SER C 49 -4.91 -7.28 -19.43
C SER C 49 -5.97 -8.32 -19.79
N ALA C 50 -7.02 -8.41 -18.97
CA ALA C 50 -8.10 -9.35 -19.24
C ALA C 50 -8.83 -9.01 -20.52
N SER C 51 -9.22 -7.73 -20.68
CA SER C 51 -10.01 -7.34 -21.84
C SER C 51 -9.55 -5.99 -22.41
N SER C 52 -8.29 -5.61 -22.18
CA SER C 52 -7.78 -4.34 -22.67
C SER C 52 -7.34 -4.45 -24.13
N LEU C 53 -6.69 -3.42 -24.64
CA LEU C 53 -6.24 -3.40 -26.03
C LEU C 53 -5.14 -2.35 -26.15
N TYR C 54 -3.93 -2.80 -26.49
CA TYR C 54 -2.80 -1.89 -26.59
C TYR C 54 -2.94 -0.97 -27.78
N SER C 55 -2.38 0.23 -27.66
CA SER C 55 -2.41 1.19 -28.74
C SER C 55 -1.64 0.66 -29.95
N GLY C 56 -2.15 0.94 -31.14
CA GLY C 56 -1.54 0.44 -32.36
C GLY C 56 -1.90 -0.98 -32.70
N VAL C 57 -2.90 -1.55 -32.05
CA VAL C 57 -3.36 -2.91 -32.30
C VAL C 57 -4.74 -2.83 -32.91
N PRO C 58 -5.06 -3.62 -33.94
CA PRO C 58 -6.39 -3.53 -34.56
C PRO C 58 -7.50 -3.81 -33.55
N SER C 59 -8.61 -3.10 -33.72
CA SER C 59 -9.69 -3.15 -32.74
C SER C 59 -10.43 -4.48 -32.76
N ARG C 60 -10.25 -5.28 -33.82
CA ARG C 60 -10.99 -6.54 -33.91
C ARG C 60 -10.57 -7.51 -32.82
N PHE C 61 -9.32 -7.44 -32.37
CA PHE C 61 -8.87 -8.30 -31.28
C PHE C 61 -9.55 -7.92 -29.98
N SER C 62 -9.80 -8.91 -29.15
CA SER C 62 -10.43 -8.68 -27.85
C SER C 62 -10.09 -9.83 -26.92
N GLY C 63 -10.23 -9.57 -25.62
CA GLY C 63 -9.99 -10.59 -24.61
C GLY C 63 -11.13 -10.64 -23.62
N SER C 64 -11.20 -11.77 -22.91
CA SER C 64 -12.23 -11.97 -21.91
C SER C 64 -11.76 -13.02 -20.91
N ARG C 65 -12.44 -13.05 -19.76
CA ARG C 65 -12.14 -13.99 -18.69
C ARG C 65 -13.42 -14.67 -18.22
N SER C 66 -13.29 -15.95 -17.87
CA SER C 66 -14.39 -16.67 -17.24
C SER C 66 -13.87 -17.65 -16.20
N GLY C 67 -13.78 -17.21 -14.95
CA GLY C 67 -13.36 -18.05 -13.85
C GLY C 67 -11.88 -18.40 -13.90
N THR C 68 -11.52 -19.25 -14.86
CA THR C 68 -10.14 -19.64 -15.08
C THR C 68 -9.74 -19.66 -16.55
N ASP C 69 -10.70 -19.55 -17.46
CA ASP C 69 -10.44 -19.66 -18.88
C ASP C 69 -10.33 -18.27 -19.48
N PHE C 70 -9.21 -18.01 -20.17
CA PHE C 70 -8.95 -16.72 -20.79
C PHE C 70 -9.12 -16.87 -22.30
N THR C 71 -9.99 -16.06 -22.88
CA THR C 71 -10.38 -16.19 -24.28
C THR C 71 -9.88 -14.99 -25.08
N LEU C 72 -9.18 -15.26 -26.17
CA LEU C 72 -8.84 -14.24 -27.16
C LEU C 72 -9.75 -14.42 -28.37
N THR C 73 -10.39 -13.34 -28.78
CA THR C 73 -11.38 -13.41 -29.84
C THR C 73 -10.93 -12.54 -31.01
N ILE C 74 -10.84 -13.14 -32.20
CA ILE C 74 -10.61 -12.40 -33.42
C ILE C 74 -11.93 -12.37 -34.19
N SER C 75 -12.68 -11.29 -34.04
CA SER C 75 -14.02 -11.22 -34.65
C SER C 75 -13.94 -11.26 -36.17
N SER C 76 -12.92 -10.65 -36.76
CA SER C 76 -12.73 -10.66 -38.20
C SER C 76 -11.26 -10.91 -38.51
N LEU C 77 -10.99 -11.81 -39.44
CA LEU C 77 -9.64 -12.18 -39.79
C LEU C 77 -9.23 -11.57 -41.13
N GLN C 78 -7.92 -11.34 -41.27
CA GLN C 78 -7.33 -10.78 -42.46
C GLN C 78 -6.05 -11.57 -42.73
N PRO C 79 -5.51 -11.53 -43.96
CA PRO C 79 -4.28 -12.28 -44.27
C PRO C 79 -3.12 -11.96 -43.34
N GLU C 80 -3.08 -10.74 -42.82
CA GLU C 80 -2.01 -10.32 -41.91
C GLU C 80 -1.97 -11.21 -40.67
N ASP C 81 -3.15 -11.67 -40.22
CA ASP C 81 -3.24 -12.43 -38.98
C ASP C 81 -2.54 -13.78 -39.05
N PHE C 82 -1.93 -14.14 -40.17
CA PHE C 82 -1.18 -15.39 -40.24
C PHE C 82 0.03 -15.31 -39.31
N ALA C 83 -0.08 -15.98 -38.16
CA ALA C 83 0.94 -15.90 -37.12
C ALA C 83 0.66 -16.87 -35.99
N THR C 84 1.52 -16.90 -34.98
CA THR C 84 1.34 -17.73 -33.80
C THR C 84 1.03 -16.84 -32.60
N TYR C 85 0.00 -17.21 -31.86
CA TYR C 85 -0.48 -16.42 -30.72
C TYR C 85 -0.25 -17.19 -29.43
N TYR C 86 0.42 -16.55 -28.47
CA TYR C 86 0.80 -17.18 -27.22
C TYR C 86 0.10 -16.48 -26.06
N CYS C 87 -0.11 -17.23 -24.98
CA CYS C 87 -0.69 -16.67 -23.76
C CYS C 87 0.40 -16.53 -22.71
N GLN C 88 0.25 -15.53 -21.84
CA GLN C 88 1.20 -15.33 -20.75
C GLN C 88 0.47 -14.76 -19.54
N GLN C 89 0.79 -15.29 -18.35
CA GLN C 89 0.31 -14.75 -17.09
C GLN C 89 1.50 -14.39 -16.22
N SER C 90 1.44 -13.23 -15.58
CA SER C 90 2.52 -12.75 -14.72
C SER C 90 1.99 -12.27 -13.37
N SER C 91 1.14 -13.05 -12.71
CA SER C 91 0.56 -12.68 -11.43
C SER C 91 1.63 -12.50 -10.36
N SER C 92 2.75 -13.21 -10.52
CA SER C 92 3.86 -13.12 -9.57
C SER C 92 5.13 -12.77 -10.34
N SER C 93 6.25 -12.84 -9.64
CA SER C 93 7.55 -12.53 -10.24
C SER C 93 7.90 -13.54 -11.33
N LEU C 94 7.29 -14.73 -11.27
CA LEU C 94 7.51 -15.77 -12.25
C LEU C 94 6.56 -15.58 -13.43
N ILE C 95 7.08 -15.78 -14.63
CA ILE C 95 6.32 -15.62 -15.86
C ILE C 95 6.36 -16.94 -16.63
N THR C 96 5.18 -17.40 -17.06
CA THR C 96 5.08 -18.66 -17.79
C THR C 96 4.24 -18.44 -19.04
N PHE C 97 4.82 -18.68 -20.20
CA PHE C 97 4.12 -18.58 -21.47
C PHE C 97 3.30 -19.84 -21.73
N GLY C 98 2.46 -19.77 -22.75
CA GLY C 98 1.68 -20.92 -23.16
C GLY C 98 2.45 -21.83 -24.11
N GLN C 99 1.74 -22.70 -24.82
CA GLN C 99 2.35 -23.62 -25.76
C GLN C 99 2.31 -23.12 -27.20
N GLY C 100 1.34 -22.29 -27.56
CA GLY C 100 1.28 -21.73 -28.89
C GLY C 100 0.10 -22.20 -29.72
N THR C 101 -0.46 -21.30 -30.52
CA THR C 101 -1.57 -21.61 -31.44
C THR C 101 -1.16 -21.11 -32.82
N LYS C 102 -0.45 -21.96 -33.56
CA LYS C 102 -0.01 -21.62 -34.92
C LYS C 102 -1.19 -21.79 -35.86
N VAL C 103 -1.81 -20.68 -36.24
CA VAL C 103 -2.94 -20.72 -37.17
C VAL C 103 -2.40 -20.83 -38.59
N GLU C 104 -3.10 -21.61 -39.41
CA GLU C 104 -2.73 -21.80 -40.82
C GLU C 104 -3.87 -21.27 -41.68
N ILE C 105 -3.60 -20.19 -42.41
CA ILE C 105 -4.63 -19.57 -43.23
C ILE C 105 -4.73 -20.28 -44.58
#